data_9LJW
#
_entry.id   9LJW
#
_cell.length_a   142.606
_cell.length_b   142.606
_cell.length_c   91.630
_cell.angle_alpha   90.00
_cell.angle_beta   90.00
_cell.angle_gamma   120.00
#
_symmetry.space_group_name_H-M   'P 65'
#
loop_
_entity.id
_entity.type
_entity.pdbx_description
1 polymer "RNA (5'-R(P*CP*GP*UP*CP*U)-3')"
2 polymer 'RNA-directed RNA polymerase'
3 polymer "RNA (5'-R(P*GP*AP*C)-3')"
4 non-polymer "GUANOSINE-5'-DIPHOSPHATE"
5 non-polymer 'MANGANESE (II) ION'
6 non-polymer 'FLAVIN-ADENINE DINUCLEOTIDE'
7 water water
#
loop_
_entity_poly.entity_id
_entity_poly.type
_entity_poly.pdbx_seq_one_letter_code
_entity_poly.pdbx_strand_id
1 'polyribonucleotide' CGUCU T
2 'polypeptide(L)'
;SSMSYSWTGALITPCGPEEEKLPINPLSNSLLRYHNKVYCTTSKSASQRAKKVTFDRTQVLDAHYDSVLKDIKLAASKVS
ARLLTLQQACQLTPPHSARSKYGFGAKEVRSLSGRAVNHIKSVWKDLLEDPQTPIPTTIMAKNEVFCVDPAKGGKKPARL
IVYPDLGVRVCEKMALYDITQKLPQAVMGASYGFQYSPAQRVEYLLKAWAEKKDPMGFSYDTRHFDSTVTERDIRTEESI
YQACSLPEEARTAIHSLTERLYVGGPMFNSKGQTCGYRRCRASGVLTTSMGNTITCYVKALAACKAAGIVAPTMLVCGDD
LIVISESQGTEEDERNLRAFTEAMTRYSAPPGDPPRPEYDLELITSCSSNVSVALGPRGRRRYYLTRDPTTPLARAAWET
VRHSPINSWLGNIIQYAPTIWVRMVLMTHFFSILMVQDTLDQNLGGVNPLDLPAIIERLHGLDAFSMHTYSHHELTRVAS
ALRKLGAPPLRVWKSRARAVRASLISRGGKAAVCGRYLFNWAVKTKLKLTPLPEARLLDLSSWF
;
A
3 'polyribonucleotide' GAC C
#
# COMPACT_ATOMS: atom_id res chain seq x y z
N SER B 1 26.22 -7.43 15.03
CA SER B 1 26.01 -6.06 15.49
C SER B 1 24.61 -5.85 16.13
N SER B 2 23.77 -5.02 15.51
CA SER B 2 22.53 -4.59 16.14
C SER B 2 21.42 -5.61 15.99
N MET B 3 20.63 -5.75 17.04
CA MET B 3 19.50 -6.65 17.05
C MET B 3 18.22 -5.83 16.87
N SER B 4 17.42 -6.18 15.86
CA SER B 4 16.24 -5.38 15.52
C SER B 4 15.32 -5.19 16.71
N TYR B 5 15.20 -6.21 17.56
CA TYR B 5 14.33 -6.12 18.73
C TYR B 5 14.94 -6.94 19.86
N SER B 6 14.62 -6.55 21.10
CA SER B 6 15.03 -7.26 22.31
C SER B 6 13.81 -7.34 23.21
N TRP B 7 13.30 -8.53 23.44
CA TRP B 7 12.00 -8.70 24.04
C TRP B 7 12.06 -8.98 25.53
N THR B 8 11.03 -8.53 26.23
CA THR B 8 10.90 -8.74 27.67
C THR B 8 10.13 -10.01 27.99
N GLY B 9 9.33 -10.52 27.07
CA GLY B 9 8.50 -11.67 27.34
C GLY B 9 7.05 -11.36 27.61
N ALA B 10 6.66 -10.08 27.60
CA ALA B 10 5.27 -9.70 27.81
C ALA B 10 4.49 -9.81 26.50
N LEU B 11 3.37 -10.54 26.52
CA LEU B 11 2.57 -10.75 25.32
C LEU B 11 2.20 -9.42 24.68
N ILE B 12 2.17 -9.38 23.35
CA ILE B 12 1.59 -8.24 22.67
C ILE B 12 0.07 -8.40 22.75
N THR B 13 -0.54 -7.67 23.67
CA THR B 13 -1.95 -7.82 23.97
C THR B 13 -2.80 -7.21 22.86
N PRO B 14 -4.08 -7.60 22.76
CA PRO B 14 -5.00 -6.95 21.84
C PRO B 14 -5.62 -5.71 22.47
N CYS B 15 -5.65 -4.58 21.76
CA CYS B 15 -6.21 -3.36 22.33
C CYS B 15 -7.71 -3.24 22.11
N GLY B 16 -8.46 -4.33 22.31
CA GLY B 16 -9.89 -4.33 22.09
C GLY B 16 -10.39 -5.63 21.48
N PRO B 17 -11.55 -6.11 21.95
CA PRO B 17 -11.99 -7.47 21.57
C PRO B 17 -11.96 -7.71 20.08
N GLU B 18 -11.55 -8.92 19.70
CA GLU B 18 -11.29 -9.25 18.31
C GLU B 18 -12.54 -9.90 17.71
N GLU B 19 -12.78 -9.58 16.45
CA GLU B 19 -14.02 -9.96 15.80
C GLU B 19 -14.03 -11.46 15.50
N GLU B 20 -15.21 -12.07 15.66
CA GLU B 20 -15.42 -13.47 15.33
C GLU B 20 -16.46 -13.59 14.22
N LYS B 21 -16.27 -14.55 13.32
CA LYS B 21 -17.25 -14.73 12.26
C LYS B 21 -18.53 -15.31 12.84
N LEU B 22 -19.68 -15.01 12.17
CA LEU B 22 -21.01 -15.46 12.57
C LEU B 22 -21.38 -16.73 11.82
N PRO B 23 -22.34 -17.53 12.32
CA PRO B 23 -22.69 -18.78 11.65
C PRO B 23 -23.36 -18.58 10.29
N ILE B 24 -23.90 -17.40 10.03
CA ILE B 24 -24.38 -17.03 8.72
C ILE B 24 -23.73 -15.70 8.36
N ASN B 25 -23.08 -15.65 7.20
CA ASN B 25 -22.53 -14.46 6.57
C ASN B 25 -23.50 -14.05 5.47
N PRO B 26 -24.55 -13.27 5.77
CA PRO B 26 -25.69 -13.13 4.83
C PRO B 26 -25.37 -12.42 3.52
N LEU B 27 -24.45 -11.44 3.55
CA LEU B 27 -24.10 -10.71 2.34
C LEU B 27 -23.29 -11.58 1.38
N SER B 28 -22.25 -12.27 1.88
CA SER B 28 -21.31 -12.96 1.00
C SER B 28 -21.54 -14.47 0.86
N ASN B 29 -22.53 -15.03 1.54
CA ASN B 29 -22.74 -16.48 1.39
C ASN B 29 -23.33 -16.87 0.04
N SER B 30 -23.57 -15.91 -0.85
CA SER B 30 -23.79 -16.16 -2.28
C SER B 30 -22.55 -15.89 -3.13
N LEU B 31 -21.64 -15.04 -2.62
CA LEU B 31 -20.42 -14.72 -3.34
C LEU B 31 -19.45 -15.89 -3.36
N LEU B 32 -19.17 -16.48 -2.19
CA LEU B 32 -18.26 -17.61 -2.12
C LEU B 32 -18.72 -18.56 -1.02
N ARG B 33 -18.21 -19.81 -1.06
CA ARG B 33 -18.69 -20.84 -0.14
C ARG B 33 -17.73 -21.14 1.00
N TYR B 34 -16.43 -21.15 0.75
CA TYR B 34 -15.45 -21.67 1.70
C TYR B 34 -15.02 -20.61 2.72
N HIS B 35 -15.97 -20.21 3.57
CA HIS B 35 -15.71 -19.17 4.56
C HIS B 35 -14.69 -19.59 5.59
N ASN B 36 -14.49 -20.89 5.76
CA ASN B 36 -13.53 -21.37 6.73
C ASN B 36 -12.13 -20.98 6.31
N LYS B 37 -11.95 -20.63 5.03
CA LYS B 37 -10.65 -20.21 4.52
C LYS B 37 -10.38 -18.73 4.76
N VAL B 38 -11.35 -17.93 5.12
CA VAL B 38 -11.16 -16.50 5.32
C VAL B 38 -10.89 -16.27 6.79
N TYR B 39 -9.74 -15.70 7.10
CA TYR B 39 -9.33 -15.48 8.48
C TYR B 39 -8.93 -14.03 8.71
N CYS B 40 -8.70 -13.72 9.98
CA CYS B 40 -8.18 -12.43 10.41
C CYS B 40 -7.11 -12.64 11.45
N THR B 41 -6.05 -11.85 11.36
CA THR B 41 -4.82 -12.10 12.11
C THR B 41 -4.91 -11.45 13.49
N THR B 42 -5.32 -12.24 14.48
CA THR B 42 -5.46 -11.78 15.85
C THR B 42 -4.10 -11.42 16.46
N SER B 43 -4.14 -10.90 17.70
CA SER B 43 -2.94 -10.63 18.46
C SER B 43 -2.35 -11.87 19.09
N LYS B 44 -3.11 -12.97 19.17
CA LYS B 44 -2.53 -14.25 19.55
C LYS B 44 -1.29 -14.53 18.72
N SER B 45 -1.43 -14.46 17.40
CA SER B 45 -0.33 -14.75 16.50
C SER B 45 0.79 -13.73 16.58
N ALA B 46 0.58 -12.60 17.24
CA ALA B 46 1.62 -11.58 17.27
C ALA B 46 2.86 -12.12 17.96
N SER B 47 2.65 -12.91 19.02
CA SER B 47 3.68 -13.67 19.71
C SER B 47 4.68 -14.25 18.70
N GLN B 48 4.15 -14.77 17.60
CA GLN B 48 4.96 -15.53 16.67
C GLN B 48 5.49 -14.70 15.49
N ARG B 49 4.82 -13.61 15.10
CA ARG B 49 5.44 -12.67 14.15
C ARG B 49 6.69 -12.04 14.76
N ALA B 50 6.72 -11.94 16.09
CA ALA B 50 7.89 -11.41 16.78
C ALA B 50 9.14 -12.21 16.43
N LYS B 51 9.05 -13.54 16.47
CA LYS B 51 10.20 -14.39 16.11
C LYS B 51 10.70 -14.09 14.70
N LYS B 52 9.77 -13.94 13.75
CA LYS B 52 10.13 -13.78 12.35
C LYS B 52 10.98 -12.53 12.12
N VAL B 53 10.86 -11.52 12.96
CA VAL B 53 11.45 -10.22 12.66
C VAL B 53 12.60 -9.85 13.59
N THR B 54 12.92 -10.68 14.58
CA THR B 54 14.06 -10.42 15.44
C THR B 54 15.26 -11.20 14.92
N PHE B 55 16.35 -10.49 14.66
CA PHE B 55 17.57 -11.10 14.11
C PHE B 55 18.67 -10.04 14.12
N ASP B 56 19.86 -10.47 13.68
CA ASP B 56 21.08 -9.67 13.81
C ASP B 56 21.40 -9.02 12.47
N ARG B 57 21.10 -7.73 12.36
CA ARG B 57 21.42 -6.97 11.15
C ARG B 57 22.87 -6.53 11.17
N THR B 58 23.51 -6.56 9.99
CA THR B 58 24.91 -6.15 9.84
C THR B 58 25.12 -5.68 8.41
N GLN B 59 25.38 -4.39 8.22
CA GLN B 59 25.60 -3.85 6.89
C GLN B 59 27.07 -3.83 6.54
N VAL B 60 27.34 -3.73 5.23
CA VAL B 60 28.68 -3.45 4.69
C VAL B 60 28.52 -2.55 3.47
N LEU B 61 28.38 -1.26 3.71
CA LEU B 61 28.25 -0.34 2.61
C LEU B 61 29.61 -0.18 1.92
N ASP B 62 29.61 0.42 0.75
CA ASP B 62 30.79 0.40 -0.10
C ASP B 62 30.71 1.56 -1.07
N ALA B 63 31.70 1.67 -1.93
CA ALA B 63 31.81 2.84 -2.80
C ALA B 63 30.58 3.04 -3.68
N HIS B 64 29.78 2.00 -3.91
CA HIS B 64 28.60 2.13 -4.76
C HIS B 64 27.45 2.81 -4.01
N TYR B 65 27.20 2.37 -2.77
CA TYR B 65 26.30 3.07 -1.86
C TYR B 65 26.73 4.53 -1.70
N ASP B 66 27.97 4.76 -1.28
CA ASP B 66 28.42 6.09 -0.93
C ASP B 66 28.40 7.04 -2.12
N SER B 67 28.51 6.52 -3.34
CA SER B 67 28.39 7.38 -4.51
C SER B 67 26.95 7.82 -4.71
N VAL B 68 26.01 6.91 -4.51
CA VAL B 68 24.60 7.24 -4.63
C VAL B 68 24.18 8.22 -3.54
N LEU B 69 24.37 7.82 -2.27
CA LEU B 69 24.02 8.65 -1.14
C LEU B 69 24.53 10.07 -1.30
N LYS B 70 25.69 10.25 -1.92
CA LYS B 70 26.23 11.60 -2.10
C LYS B 70 25.40 12.42 -3.07
N ASP B 71 25.04 11.87 -4.22
CA ASP B 71 24.23 12.64 -5.18
C ASP B 71 22.78 12.74 -4.75
N ILE B 72 22.33 11.88 -3.85
CA ILE B 72 21.00 12.04 -3.29
C ILE B 72 20.99 13.18 -2.29
N LYS B 73 22.07 13.32 -1.51
CA LYS B 73 22.23 14.50 -0.67
C LYS B 73 22.35 15.79 -1.51
N LEU B 74 22.85 15.68 -2.74
CA LEU B 74 22.87 16.83 -3.64
C LEU B 74 21.48 17.16 -4.16
N ALA B 75 20.63 16.15 -4.35
CA ALA B 75 19.22 16.43 -4.65
C ALA B 75 18.54 17.11 -3.48
N ALA B 76 18.79 16.60 -2.27
CA ALA B 76 18.24 17.20 -1.06
C ALA B 76 18.61 18.67 -0.93
N SER B 77 19.76 19.07 -1.48
CA SER B 77 20.21 20.45 -1.36
C SER B 77 19.21 21.42 -2.00
N LYS B 78 18.58 21.01 -3.10
CA LYS B 78 17.68 21.92 -3.82
C LYS B 78 16.27 22.01 -3.22
N VAL B 79 16.06 21.49 -2.03
CA VAL B 79 14.74 21.46 -1.40
C VAL B 79 14.71 22.49 -0.28
N SER B 80 13.66 23.30 -0.26
CA SER B 80 13.41 24.22 0.85
C SER B 80 12.18 23.75 1.60
N ALA B 81 12.33 23.53 2.90
CA ALA B 81 11.23 23.08 3.74
C ALA B 81 10.92 24.15 4.78
N ARG B 82 9.77 24.01 5.43
CA ARG B 82 9.33 24.94 6.46
C ARG B 82 8.76 24.18 7.65
N LEU B 83 8.83 24.79 8.83
CA LEU B 83 8.12 24.20 9.97
C LEU B 83 6.61 24.19 9.73
N LEU B 84 5.87 23.58 10.64
CA LEU B 84 4.43 23.62 10.54
C LEU B 84 3.91 24.17 11.85
N THR B 85 3.09 25.22 11.76
CA THR B 85 2.51 25.82 12.95
C THR B 85 1.83 24.74 13.77
N LEU B 86 2.05 24.79 15.09
CA LEU B 86 1.46 23.79 15.96
C LEU B 86 0.00 23.56 15.63
N GLN B 87 -0.70 24.60 15.19
CA GLN B 87 -2.08 24.46 14.71
C GLN B 87 -2.16 23.61 13.45
N GLN B 88 -1.49 24.05 12.38
CA GLN B 88 -1.50 23.31 11.13
C GLN B 88 -1.22 21.83 11.33
N ALA B 89 -0.25 21.50 12.18
CA ALA B 89 0.03 20.10 12.43
C ALA B 89 -1.14 19.40 13.09
N CYS B 90 -1.76 20.03 14.09
CA CYS B 90 -2.94 19.44 14.73
C CYS B 90 -4.06 19.20 13.73
N GLN B 91 -4.17 20.07 12.73
CA GLN B 91 -5.21 19.96 11.72
C GLN B 91 -5.00 18.77 10.80
N LEU B 92 -3.78 18.25 10.70
CA LEU B 92 -3.49 17.08 9.87
C LEU B 92 -3.57 15.77 10.65
N THR B 93 -3.99 15.81 11.91
CA THR B 93 -4.22 14.58 12.65
C THR B 93 -5.47 13.90 12.10
N PRO B 94 -5.43 12.60 11.81
CA PRO B 94 -6.62 11.93 11.26
C PRO B 94 -7.73 11.82 12.28
N PRO B 95 -8.99 11.78 11.84
CA PRO B 95 -10.10 12.04 12.76
C PRO B 95 -10.32 10.94 13.77
N HIS B 96 -10.11 9.69 13.38
CA HIS B 96 -10.21 8.57 14.30
C HIS B 96 -8.91 8.28 15.02
N SER B 97 -7.90 9.16 14.90
CA SER B 97 -6.57 8.86 15.44
C SER B 97 -6.65 8.51 16.92
N ALA B 98 -5.71 7.69 17.37
CA ALA B 98 -5.76 7.11 18.71
C ALA B 98 -5.38 8.15 19.75
N ARG B 99 -6.18 8.23 20.82
CA ARG B 99 -6.08 9.30 21.80
C ARG B 99 -4.78 9.19 22.60
N SER B 100 -4.47 10.27 23.31
CA SER B 100 -3.24 10.36 24.07
C SER B 100 -3.42 9.89 25.51
N LYS B 101 -2.38 9.26 26.06
CA LYS B 101 -2.31 8.91 27.48
C LYS B 101 -2.85 10.04 28.34
N TYR B 102 -2.37 11.24 28.07
CA TYR B 102 -2.58 12.42 28.89
C TYR B 102 -3.96 13.05 28.72
N GLY B 103 -5.01 12.23 28.57
CA GLY B 103 -6.36 12.75 28.59
C GLY B 103 -6.72 13.82 27.56
N PHE B 104 -6.86 13.39 26.30
CA PHE B 104 -7.46 14.14 25.19
C PHE B 104 -7.28 13.32 23.93
N GLY B 105 -8.12 13.54 22.93
CA GLY B 105 -8.08 12.71 21.74
C GLY B 105 -8.05 13.47 20.44
N ALA B 106 -8.38 12.77 19.35
CA ALA B 106 -8.31 13.39 18.03
C ALA B 106 -9.36 14.50 17.88
N LYS B 107 -10.56 14.29 18.44
CA LYS B 107 -11.58 15.33 18.39
C LYS B 107 -11.06 16.64 19.00
N GLU B 108 -10.35 16.55 20.13
CA GLU B 108 -9.84 17.74 20.83
C GLU B 108 -8.66 18.37 20.08
N VAL B 109 -7.78 17.54 19.53
CA VAL B 109 -6.62 18.06 18.78
C VAL B 109 -7.09 18.86 17.58
N ARG B 110 -8.09 18.35 16.86
CA ARG B 110 -8.44 18.95 15.58
C ARG B 110 -9.20 20.24 15.76
N SER B 111 -9.93 20.37 16.87
CA SER B 111 -10.64 21.60 17.19
C SER B 111 -9.81 22.55 18.04
N LEU B 112 -8.51 22.26 18.19
CA LEU B 112 -7.56 23.11 18.91
C LEU B 112 -8.00 23.37 20.35
N SER B 113 -8.60 22.35 20.97
CA SER B 113 -8.97 22.40 22.38
C SER B 113 -7.81 22.91 23.20
N GLY B 114 -8.10 23.60 24.29
CA GLY B 114 -7.03 24.17 25.08
C GLY B 114 -6.10 23.13 25.68
N ARG B 115 -6.67 22.07 26.28
CA ARG B 115 -5.85 21.13 27.04
C ARG B 115 -4.82 20.47 26.15
N ALA B 116 -5.23 20.07 24.93
CA ALA B 116 -4.33 19.44 23.98
C ALA B 116 -3.27 20.42 23.50
N VAL B 117 -3.68 21.65 23.13
CA VAL B 117 -2.73 22.58 22.56
C VAL B 117 -1.61 22.91 23.52
N ASN B 118 -1.88 22.82 24.83
CA ASN B 118 -0.82 23.07 25.79
C ASN B 118 0.11 21.87 25.93
N HIS B 119 -0.46 20.67 26.10
CA HIS B 119 0.36 19.46 26.20
C HIS B 119 1.27 19.29 24.99
N ILE B 120 0.78 19.61 23.79
CA ILE B 120 1.62 19.50 22.61
C ILE B 120 2.67 20.60 22.60
N LYS B 121 2.32 21.80 23.08
CA LYS B 121 3.32 22.84 23.24
C LYS B 121 4.46 22.38 24.13
N SER B 122 4.18 21.56 25.15
CA SER B 122 5.25 21.12 26.03
C SER B 122 6.02 19.91 25.45
N VAL B 123 5.35 19.02 24.72
CA VAL B 123 6.04 17.93 24.02
C VAL B 123 7.05 18.50 23.05
N TRP B 124 6.63 19.50 22.27
CA TRP B 124 7.54 20.16 21.36
C TRP B 124 8.62 20.95 22.08
N LYS B 125 8.41 21.29 23.35
CA LYS B 125 9.45 21.92 24.13
C LYS B 125 10.44 20.89 24.67
N ASP B 126 9.97 19.69 25.00
CA ASP B 126 10.86 18.59 25.35
C ASP B 126 11.63 18.09 24.13
N LEU B 127 11.07 18.28 22.92
CA LEU B 127 11.75 17.86 21.70
C LEU B 127 12.98 18.72 21.41
N LEU B 128 12.79 20.03 21.30
CA LEU B 128 13.90 20.94 21.53
C LEU B 128 14.41 20.72 22.95
N GLU B 129 15.67 21.06 23.19
CA GLU B 129 16.39 20.57 24.38
C GLU B 129 16.58 19.06 24.29
N ASP B 130 16.26 18.33 25.39
CA ASP B 130 16.50 16.90 25.61
C ASP B 130 16.62 16.10 24.31
N PRO B 131 17.81 15.99 23.72
CA PRO B 131 17.94 15.25 22.46
C PRO B 131 18.31 13.79 22.63
N GLN B 132 18.36 13.27 23.84
CA GLN B 132 18.86 11.90 24.00
C GLN B 132 17.80 10.97 24.56
N THR B 133 17.09 11.34 25.61
CA THR B 133 16.27 10.34 26.29
C THR B 133 15.18 9.81 25.35
N PRO B 134 15.09 8.49 25.14
CA PRO B 134 14.07 7.96 24.23
C PRO B 134 12.64 8.41 24.51
N ILE B 135 11.81 8.23 23.50
CA ILE B 135 10.37 8.47 23.56
C ILE B 135 9.67 7.12 23.64
N PRO B 136 8.94 6.83 24.71
CA PRO B 136 8.25 5.53 24.79
C PRO B 136 7.25 5.35 23.65
N THR B 137 7.14 4.11 23.18
CA THR B 137 6.29 3.78 22.05
C THR B 137 5.43 2.58 22.42
N THR B 138 4.30 2.44 21.73
CA THR B 138 3.35 1.35 21.95
C THR B 138 3.44 0.36 20.79
N ILE B 139 3.23 -0.93 21.09
CA ILE B 139 3.30 -1.96 20.07
C ILE B 139 1.97 -2.69 20.03
N MET B 140 1.37 -2.73 18.83
CA MET B 140 0.07 -3.31 18.57
C MET B 140 0.21 -4.46 17.57
N ALA B 141 -0.57 -5.50 17.78
CA ALA B 141 -0.87 -6.39 16.67
C ALA B 141 -1.73 -5.64 15.67
N LYS B 142 -1.62 -6.03 14.40
CA LYS B 142 -2.43 -5.45 13.32
C LYS B 142 -3.33 -6.53 12.74
N ASN B 143 -4.65 -6.36 12.89
CA ASN B 143 -5.63 -7.32 12.40
C ASN B 143 -5.89 -7.13 10.91
N GLU B 144 -5.80 -8.21 10.13
CA GLU B 144 -5.92 -8.14 8.67
C GLU B 144 -6.59 -9.41 8.16
N VAL B 145 -7.34 -9.28 7.06
CA VAL B 145 -8.12 -10.37 6.50
C VAL B 145 -7.35 -10.97 5.32
N PHE B 146 -7.24 -12.30 5.29
CA PHE B 146 -6.54 -13.03 4.23
C PHE B 146 -7.26 -14.33 3.95
N CYS B 147 -6.79 -15.06 2.95
CA CYS B 147 -7.24 -16.41 2.69
C CYS B 147 -6.14 -17.40 3.05
N VAL B 148 -6.49 -18.55 3.63
CA VAL B 148 -5.46 -19.51 4.03
C VAL B 148 -4.77 -20.03 2.79
N ASP B 149 -3.45 -20.07 2.84
CA ASP B 149 -2.67 -20.79 1.83
C ASP B 149 -1.93 -21.91 2.52
N PRO B 150 -2.33 -23.17 2.33
CA PRO B 150 -1.62 -24.26 3.03
C PRO B 150 -0.18 -24.37 2.58
N ALA B 151 0.08 -24.02 1.32
CA ALA B 151 1.45 -24.05 0.77
C ALA B 151 2.42 -23.25 1.63
N LYS B 152 2.04 -22.03 2.01
CA LYS B 152 2.94 -21.13 2.71
C LYS B 152 2.53 -20.94 4.17
N GLY B 153 2.25 -22.05 4.87
CA GLY B 153 2.17 -22.05 6.31
C GLY B 153 0.77 -22.00 6.92
N GLY B 154 -0.27 -21.81 6.10
CA GLY B 154 -1.63 -21.75 6.61
C GLY B 154 -2.12 -20.36 6.93
N LYS B 155 -1.68 -19.80 8.06
CA LYS B 155 -2.10 -18.48 8.53
C LYS B 155 -0.90 -17.59 8.82
N LYS B 156 -0.87 -16.43 8.19
CA LYS B 156 0.19 -15.47 8.45
C LYS B 156 0.06 -14.94 9.87
N PRO B 157 1.17 -14.73 10.56
CA PRO B 157 1.11 -14.01 11.82
C PRO B 157 0.82 -12.53 11.59
N ALA B 158 0.27 -11.89 12.61
CA ALA B 158 -0.10 -10.48 12.53
C ALA B 158 1.12 -9.58 12.43
N ARG B 159 1.12 -8.68 11.45
CA ARG B 159 2.16 -7.65 11.40
C ARG B 159 2.16 -6.82 12.67
N LEU B 160 3.32 -6.29 13.04
CA LEU B 160 3.50 -5.55 14.28
C LEU B 160 3.63 -4.07 13.98
N ILE B 161 2.87 -3.26 14.71
CA ILE B 161 2.76 -1.83 14.45
C ILE B 161 3.21 -1.09 15.71
N VAL B 162 4.07 -0.08 15.54
CA VAL B 162 4.70 0.62 16.67
C VAL B 162 4.62 2.12 16.47
N TYR B 163 4.10 2.82 17.49
CA TYR B 163 3.74 4.26 17.41
C TYR B 163 3.89 5.01 18.73
N PRO B 164 4.32 6.31 18.69
CA PRO B 164 4.44 7.07 19.94
C PRO B 164 3.09 7.60 20.40
N ASP B 165 3.10 8.44 21.43
CA ASP B 165 1.86 9.06 21.88
C ASP B 165 1.37 10.08 20.84
N LEU B 166 0.10 10.42 20.94
CA LEU B 166 -0.49 11.40 20.02
C LEU B 166 0.21 12.76 20.11
N GLY B 167 0.63 13.17 21.31
CA GLY B 167 1.42 14.39 21.42
C GLY B 167 2.61 14.38 20.48
N VAL B 168 3.35 13.26 20.47
CA VAL B 168 4.54 13.14 19.64
C VAL B 168 4.17 13.20 18.16
N ARG B 169 3.04 12.59 17.79
CA ARG B 169 2.71 12.45 16.37
C ARG B 169 2.37 13.80 15.74
N VAL B 170 1.83 14.73 16.53
CA VAL B 170 1.61 16.07 16.01
C VAL B 170 2.94 16.80 15.86
N CYS B 171 3.85 16.62 16.82
CA CYS B 171 5.17 17.23 16.73
C CYS B 171 5.95 16.76 15.51
N GLU B 172 5.81 15.47 15.18
CA GLU B 172 6.46 14.97 13.98
C GLU B 172 5.99 15.73 12.75
N LYS B 173 4.68 15.95 12.63
CA LYS B 173 4.19 16.67 11.47
C LYS B 173 4.71 18.10 11.46
N MET B 174 4.85 18.71 12.63
CA MET B 174 5.48 20.04 12.69
C MET B 174 6.85 19.99 12.06
N ALA B 175 7.73 19.16 12.62
CA ALA B 175 9.12 19.07 12.16
C ALA B 175 9.21 18.59 10.72
N LEU B 176 8.48 17.53 10.37
CA LEU B 176 8.79 16.79 9.16
C LEU B 176 7.71 16.77 8.10
N TYR B 177 6.47 17.18 8.39
CA TYR B 177 5.43 17.04 7.37
C TYR B 177 5.78 17.76 6.07
N ASP B 178 6.32 18.98 6.14
CA ASP B 178 6.62 19.65 4.88
C ASP B 178 7.71 18.92 4.11
N ILE B 179 8.72 18.42 4.82
CA ILE B 179 9.74 17.61 4.19
C ILE B 179 9.11 16.49 3.38
N THR B 180 8.23 15.69 4.01
CA THR B 180 7.66 14.52 3.34
C THR B 180 7.02 14.90 2.01
N GLN B 181 6.44 16.11 1.93
CA GLN B 181 5.73 16.50 0.72
C GLN B 181 6.67 16.79 -0.45
N LYS B 182 7.89 17.20 -0.17
CA LYS B 182 8.78 17.63 -1.24
C LYS B 182 9.96 16.69 -1.47
N LEU B 183 10.52 16.14 -0.40
CA LEU B 183 11.83 15.47 -0.49
C LEU B 183 11.80 14.32 -1.47
N PRO B 184 11.00 13.26 -1.27
CA PRO B 184 11.12 12.11 -2.17
C PRO B 184 10.90 12.46 -3.62
N GLN B 185 9.87 13.25 -3.93
CA GLN B 185 9.66 13.67 -5.31
C GLN B 185 10.91 14.35 -5.89
N ALA B 186 11.72 14.99 -5.03
CA ALA B 186 12.92 15.70 -5.49
C ALA B 186 14.12 14.80 -5.65
N VAL B 187 14.32 13.88 -4.72
CA VAL B 187 15.49 13.02 -4.76
C VAL B 187 15.35 11.92 -5.83
N MET B 188 14.12 11.41 -6.05
CA MET B 188 13.89 10.23 -6.90
C MET B 188 13.19 10.53 -8.20
N GLY B 189 12.60 11.71 -8.37
CA GLY B 189 12.10 12.10 -9.67
C GLY B 189 11.05 11.15 -10.23
N ALA B 190 11.27 10.70 -11.48
CA ALA B 190 10.32 9.80 -12.13
C ALA B 190 10.33 8.40 -11.53
N SER B 191 11.35 8.06 -10.75
CA SER B 191 11.43 6.78 -10.05
C SER B 191 10.55 6.74 -8.82
N TYR B 192 9.95 7.87 -8.43
CA TYR B 192 9.09 7.92 -7.27
C TYR B 192 7.72 7.34 -7.59
N GLY B 193 7.39 6.23 -6.96
CA GLY B 193 6.24 5.44 -7.37
C GLY B 193 4.88 6.03 -7.01
N PHE B 194 4.72 6.49 -5.76
CA PHE B 194 3.43 7.02 -5.29
C PHE B 194 2.93 8.16 -6.18
N GLN B 195 3.84 8.78 -6.95
CA GLN B 195 3.53 9.92 -7.81
C GLN B 195 2.50 9.60 -8.89
N TYR B 196 2.48 8.37 -9.39
CA TYR B 196 1.67 8.01 -10.54
C TYR B 196 0.33 7.43 -10.10
N SER B 197 -0.65 7.55 -10.97
CA SER B 197 -1.96 6.92 -10.82
C SER B 197 -1.91 5.53 -11.42
N PRO B 198 -2.95 4.72 -11.24
CA PRO B 198 -2.94 3.39 -11.90
C PRO B 198 -2.72 3.47 -13.40
N ALA B 199 -3.43 4.35 -14.11
CA ALA B 199 -3.22 4.47 -15.55
C ALA B 199 -1.83 5.02 -15.86
N GLN B 200 -1.31 5.89 -14.99
CA GLN B 200 -0.02 6.51 -15.29
C GLN B 200 1.12 5.53 -15.10
N ARG B 201 1.07 4.74 -14.02
CA ARG B 201 2.05 3.69 -13.79
C ARG B 201 2.16 2.79 -15.01
N VAL B 202 1.01 2.41 -15.57
CA VAL B 202 1.03 1.57 -16.76
C VAL B 202 1.72 2.29 -17.92
N GLU B 203 1.29 3.52 -18.20
CA GLU B 203 1.92 4.26 -19.28
C GLU B 203 3.43 4.37 -19.08
N TYR B 204 3.88 4.38 -17.81
CA TYR B 204 5.31 4.47 -17.50
C TYR B 204 6.02 3.18 -17.90
N LEU B 205 5.66 2.07 -17.26
CA LEU B 205 6.34 0.82 -17.52
C LEU B 205 6.28 0.47 -18.99
N LEU B 206 5.18 0.79 -19.65
CA LEU B 206 5.13 0.58 -21.09
C LEU B 206 6.18 1.40 -21.81
N LYS B 207 6.33 2.68 -21.44
CA LYS B 207 7.36 3.51 -22.06
C LYS B 207 8.76 3.03 -21.70
N ALA B 208 9.00 2.75 -20.41
CA ALA B 208 10.29 2.25 -19.95
C ALA B 208 10.71 0.99 -20.69
N TRP B 209 9.73 0.14 -20.99
CA TRP B 209 10.00 -1.14 -21.62
C TRP B 209 10.21 -1.03 -23.12
N ALA B 210 9.60 -0.05 -23.76
CA ALA B 210 9.80 0.11 -25.19
C ALA B 210 11.04 0.92 -25.50
N GLU B 211 11.49 1.73 -24.54
CA GLU B 211 12.72 2.48 -24.67
C GLU B 211 13.97 1.61 -24.66
N LYS B 212 13.86 0.33 -24.31
CA LYS B 212 15.00 -0.58 -24.40
C LYS B 212 15.13 -1.17 -25.81
N LYS B 213 16.37 -1.39 -26.24
CA LYS B 213 16.62 -2.17 -27.44
C LYS B 213 16.45 -3.66 -27.21
N ASP B 214 16.34 -4.08 -25.93
CA ASP B 214 16.19 -5.47 -25.52
C ASP B 214 15.84 -5.50 -24.04
N PRO B 215 14.59 -5.27 -23.69
CA PRO B 215 14.24 -5.02 -22.30
C PRO B 215 14.35 -6.28 -21.45
N MET B 216 14.54 -6.05 -20.17
CA MET B 216 14.53 -7.11 -19.17
C MET B 216 14.09 -6.47 -17.88
N GLY B 217 13.15 -7.06 -17.20
CA GLY B 217 12.61 -6.49 -15.99
C GLY B 217 12.72 -7.47 -14.87
N PHE B 218 12.73 -6.94 -13.66
CA PHE B 218 12.54 -7.77 -12.49
C PHE B 218 11.98 -6.87 -11.39
N SER B 219 11.32 -7.51 -10.43
CA SER B 219 10.92 -6.86 -9.19
C SER B 219 11.74 -7.42 -8.05
N TYR B 220 11.83 -6.63 -7.00
CA TYR B 220 12.54 -6.98 -5.77
C TYR B 220 11.78 -6.31 -4.65
N ASP B 221 11.45 -7.07 -3.62
CA ASP B 221 11.03 -6.52 -2.34
C ASP B 221 11.83 -7.20 -1.24
N THR B 222 12.13 -6.46 -0.19
CA THR B 222 12.91 -7.04 0.89
C THR B 222 11.98 -7.70 1.91
N ARG B 223 12.52 -8.69 2.62
CA ARG B 223 11.77 -9.40 3.65
C ARG B 223 11.88 -8.61 4.95
N HIS B 224 10.74 -8.36 5.59
CA HIS B 224 10.68 -7.66 6.87
C HIS B 224 11.43 -6.33 6.81
N PHE B 225 10.99 -5.46 5.90
CA PHE B 225 11.80 -4.27 5.62
C PHE B 225 11.83 -3.32 6.81
N ASP B 226 10.81 -3.35 7.66
CA ASP B 226 10.91 -2.55 8.88
C ASP B 226 12.05 -3.04 9.76
N SER B 227 12.34 -4.34 9.77
CA SER B 227 13.35 -4.87 10.65
C SER B 227 14.75 -4.73 10.10
N THR B 228 14.88 -4.74 8.78
CA THR B 228 16.20 -4.59 8.16
C THR B 228 16.72 -3.18 8.22
N VAL B 229 16.01 -2.26 8.85
CA VAL B 229 16.45 -0.88 8.94
C VAL B 229 17.41 -0.77 10.13
N THR B 230 18.69 -0.60 9.83
CA THR B 230 19.68 -0.41 10.88
C THR B 230 19.61 1.01 11.44
N GLU B 231 20.27 1.22 12.57
CA GLU B 231 20.33 2.55 13.12
C GLU B 231 21.12 3.48 12.21
N ARG B 232 22.21 2.99 11.62
CA ARG B 232 22.95 3.82 10.67
C ARG B 232 22.05 4.25 9.52
N ASP B 233 21.11 3.39 9.14
CA ASP B 233 20.22 3.68 8.01
C ASP B 233 19.34 4.88 8.30
N ILE B 234 18.73 4.91 9.50
CA ILE B 234 17.88 6.02 9.93
C ILE B 234 18.67 7.30 10.07
N ARG B 235 19.87 7.20 10.66
CA ARG B 235 20.67 8.39 10.87
C ARG B 235 21.17 8.93 9.54
N THR B 236 21.50 8.04 8.60
CA THR B 236 21.82 8.49 7.26
C THR B 236 20.59 9.06 6.57
N GLU B 237 19.40 8.61 6.98
CA GLU B 237 18.16 9.23 6.54
C GLU B 237 18.11 10.68 6.98
N GLU B 238 18.30 10.93 8.28
CA GLU B 238 18.36 12.30 8.76
C GLU B 238 19.39 13.09 7.99
N SER B 239 20.56 12.48 7.74
CA SER B 239 21.60 13.10 6.93
C SER B 239 21.03 13.69 5.65
N ILE B 240 19.99 13.08 5.10
CA ILE B 240 19.39 13.62 3.89
C ILE B 240 18.37 14.69 4.23
N TYR B 241 17.56 14.46 5.27
CA TYR B 241 16.60 15.49 5.73
C TYR B 241 17.30 16.80 5.94
N GLN B 242 18.36 16.78 6.75
CA GLN B 242 19.10 17.98 7.12
C GLN B 242 19.76 18.66 5.93
N ALA B 243 19.92 17.99 4.80
CA ALA B 243 20.56 18.63 3.65
C ALA B 243 19.68 19.71 2.98
N CYS B 244 18.47 19.97 3.45
CA CYS B 244 17.58 20.96 2.84
C CYS B 244 17.57 22.26 3.65
N SER B 245 16.92 23.27 3.09
CA SER B 245 16.80 24.57 3.73
C SER B 245 15.81 24.48 4.88
N LEU B 246 16.32 24.36 6.11
CA LEU B 246 15.45 24.24 7.29
C LEU B 246 15.63 25.42 8.23
N PRO B 247 14.53 25.98 8.73
CA PRO B 247 14.63 26.85 9.91
C PRO B 247 15.33 26.09 11.02
N GLU B 248 16.14 26.82 11.79
CA GLU B 248 16.99 26.14 12.74
C GLU B 248 16.18 25.43 13.82
N GLU B 249 14.95 25.87 14.06
CA GLU B 249 14.10 25.17 15.01
C GLU B 249 13.73 23.80 14.47
N ALA B 250 13.67 23.66 13.14
CA ALA B 250 13.38 22.37 12.52
C ALA B 250 14.50 21.38 12.80
N ARG B 251 15.75 21.79 12.55
CA ARG B 251 16.88 20.89 12.69
C ARG B 251 16.98 20.34 14.10
N THR B 252 16.72 21.18 15.09
CA THR B 252 16.84 20.73 16.48
C THR B 252 15.84 19.64 16.79
N ALA B 253 14.58 19.86 16.41
CA ALA B 253 13.52 18.91 16.70
C ALA B 253 13.72 17.64 15.89
N ILE B 254 14.00 17.79 14.59
CA ILE B 254 14.36 16.64 13.76
C ILE B 254 15.43 15.81 14.44
N HIS B 255 16.60 16.43 14.70
CA HIS B 255 17.70 15.67 15.28
C HIS B 255 17.29 14.97 16.57
N SER B 256 16.43 15.60 17.36
CA SER B 256 15.99 15.00 18.61
C SER B 256 14.97 13.88 18.39
N LEU B 257 14.13 14.00 17.36
CA LEU B 257 13.20 12.93 17.04
C LEU B 257 13.93 11.70 16.51
N THR B 258 14.99 11.91 15.72
CA THR B 258 15.80 10.80 15.22
C THR B 258 16.46 10.03 16.36
N GLU B 259 16.93 10.74 17.38
CA GLU B 259 17.56 10.07 18.51
C GLU B 259 16.53 9.44 19.43
N ARG B 260 15.54 10.22 19.86
CA ARG B 260 14.64 9.72 20.89
C ARG B 260 13.58 8.76 20.33
N LEU B 261 13.33 8.77 19.02
CA LEU B 261 12.15 8.08 18.54
C LEU B 261 12.48 7.07 17.46
N TYR B 262 13.09 7.55 16.36
CA TYR B 262 13.19 6.77 15.13
C TYR B 262 14.20 5.63 15.24
N VAL B 263 15.41 5.93 15.72
CA VAL B 263 16.46 4.94 15.92
C VAL B 263 16.10 3.86 16.94
N GLY B 264 15.06 4.04 17.71
CA GLY B 264 14.62 3.01 18.59
C GLY B 264 14.13 3.59 19.89
N GLY B 265 13.98 2.72 20.87
CA GLY B 265 13.39 3.11 22.13
C GLY B 265 12.60 1.95 22.69
N PRO B 266 12.07 2.11 23.87
CA PRO B 266 11.29 1.03 24.48
C PRO B 266 9.99 0.79 23.73
N MET B 267 9.24 -0.20 24.18
CA MET B 267 7.99 -0.59 23.56
C MET B 267 7.12 -1.18 24.65
N PHE B 268 5.84 -0.79 24.67
CA PHE B 268 4.89 -1.21 25.68
C PHE B 268 3.65 -1.75 25.01
N ASN B 269 3.08 -2.80 25.57
CA ASN B 269 1.87 -3.33 24.97
C ASN B 269 0.67 -2.50 25.40
N SER B 270 -0.50 -2.84 24.85
CA SER B 270 -1.71 -2.11 25.17
C SER B 270 -2.03 -2.16 26.65
N LYS B 271 -1.61 -3.22 27.34
CA LYS B 271 -1.83 -3.31 28.79
C LYS B 271 -0.97 -2.30 29.53
N GLY B 272 0.28 -2.13 29.13
CA GLY B 272 1.11 -1.11 29.72
C GLY B 272 2.45 -1.56 30.25
N GLN B 273 2.75 -2.87 30.20
CA GLN B 273 4.06 -3.36 30.63
C GLN B 273 5.13 -2.97 29.61
N THR B 274 6.41 -3.19 30.00
CA THR B 274 7.51 -3.12 29.05
C THR B 274 7.54 -4.37 28.21
N CYS B 275 7.71 -4.21 26.92
CA CYS B 275 7.55 -5.28 25.96
C CYS B 275 8.84 -5.61 25.24
N GLY B 276 9.73 -4.65 25.08
CA GLY B 276 10.90 -4.86 24.27
C GLY B 276 11.56 -3.54 23.98
N TYR B 277 12.72 -3.64 23.36
CA TYR B 277 13.44 -2.48 22.88
C TYR B 277 13.61 -2.66 21.39
N ARG B 278 13.37 -1.60 20.63
CA ARG B 278 13.44 -1.65 19.19
C ARG B 278 14.70 -0.94 18.71
N ARG B 279 15.42 -1.56 17.78
CA ARG B 279 16.60 -0.93 17.20
C ARG B 279 16.49 -0.78 15.69
N CYS B 280 15.27 -0.75 15.17
CA CYS B 280 15.02 -0.57 13.75
C CYS B 280 13.90 0.44 13.54
N ARG B 281 13.50 0.59 12.28
CA ARG B 281 12.33 1.38 11.92
C ARG B 281 11.13 1.02 12.78
N ALA B 282 10.51 2.02 13.37
CA ALA B 282 9.21 1.85 13.99
C ALA B 282 8.17 2.18 12.93
N SER B 283 7.64 1.14 12.28
CA SER B 283 6.60 1.33 11.28
C SER B 283 5.36 1.90 11.94
N GLY B 284 5.01 3.14 11.61
CA GLY B 284 3.99 3.85 12.35
C GLY B 284 4.36 5.25 12.79
N VAL B 285 5.33 5.86 12.11
CA VAL B 285 5.69 7.25 12.33
C VAL B 285 5.57 7.99 11.00
N LEU B 286 5.72 9.31 11.05
CA LEU B 286 5.48 10.13 9.88
C LEU B 286 6.39 9.70 8.73
N THR B 287 7.68 9.55 9.03
CA THR B 287 8.69 9.24 8.04
C THR B 287 8.58 7.81 7.51
N THR B 288 7.87 6.92 8.21
CA THR B 288 7.79 5.52 7.80
C THR B 288 7.59 5.37 6.30
N SER B 289 6.55 5.98 5.73
CA SER B 289 6.32 5.72 4.32
C SER B 289 7.38 6.35 3.42
N MET B 290 8.04 7.41 3.88
CA MET B 290 9.02 8.15 3.08
C MET B 290 10.45 7.68 3.31
N GLY B 291 10.83 7.44 4.56
CA GLY B 291 12.08 6.82 4.90
C GLY B 291 12.25 5.53 4.13
N ASN B 292 11.35 4.57 4.36
CA ASN B 292 11.28 3.35 3.58
C ASN B 292 11.59 3.61 2.12
N THR B 293 10.85 4.52 1.50
CA THR B 293 11.00 4.71 0.07
C THR B 293 12.38 5.24 -0.28
N ILE B 294 12.93 6.13 0.54
CA ILE B 294 14.19 6.75 0.16
C ILE B 294 15.34 5.80 0.39
N THR B 295 15.45 5.27 1.61
CA THR B 295 16.42 4.23 1.92
C THR B 295 16.43 3.14 0.86
N CYS B 296 15.25 2.64 0.52
CA CYS B 296 15.15 1.64 -0.53
C CYS B 296 15.72 2.15 -1.85
N TYR B 297 15.45 3.39 -2.23
CA TYR B 297 16.01 3.89 -3.49
C TYR B 297 17.54 3.89 -3.47
N VAL B 298 18.13 4.25 -2.33
CA VAL B 298 19.58 4.28 -2.22
C VAL B 298 20.12 2.87 -2.40
N LYS B 299 19.79 1.98 -1.47
CA LYS B 299 20.30 0.62 -1.52
C LYS B 299 20.05 0.00 -2.91
N ALA B 300 18.86 0.18 -3.47
CA ALA B 300 18.58 -0.35 -4.79
C ALA B 300 19.53 0.24 -5.83
N LEU B 301 19.60 1.57 -5.88
CA LEU B 301 20.44 2.24 -6.88
C LEU B 301 21.91 1.85 -6.71
N ALA B 302 22.37 1.72 -5.46
CA ALA B 302 23.70 1.19 -5.20
C ALA B 302 23.87 -0.17 -5.86
N ALA B 303 23.05 -1.15 -5.43
CA ALA B 303 23.16 -2.52 -5.92
C ALA B 303 23.06 -2.61 -7.43
N CYS B 304 22.40 -1.63 -8.07
CA CYS B 304 22.34 -1.64 -9.53
C CYS B 304 23.70 -1.37 -10.14
N LYS B 305 24.50 -0.54 -9.48
CA LYS B 305 25.84 -0.26 -9.96
C LYS B 305 26.80 -1.40 -9.62
N ALA B 306 26.61 -2.06 -8.48
CA ALA B 306 27.41 -3.24 -8.15
C ALA B 306 27.22 -4.34 -9.19
N ALA B 307 25.97 -4.67 -9.48
CA ALA B 307 25.67 -5.72 -10.44
C ALA B 307 25.91 -5.29 -11.87
N GLY B 308 25.87 -3.99 -12.15
CA GLY B 308 26.07 -3.57 -13.51
C GLY B 308 24.82 -3.57 -14.36
N ILE B 309 23.63 -3.52 -13.74
CA ILE B 309 22.39 -3.36 -14.50
C ILE B 309 22.52 -2.13 -15.40
N VAL B 310 22.30 -2.33 -16.69
CA VAL B 310 22.57 -1.30 -17.71
C VAL B 310 21.30 -0.54 -18.05
N ALA B 311 21.42 0.78 -18.14
CA ALA B 311 20.34 1.70 -18.46
C ALA B 311 19.09 1.42 -17.65
N PRO B 312 19.19 1.21 -16.34
CA PRO B 312 18.00 0.78 -15.60
C PRO B 312 17.04 1.94 -15.39
N THR B 313 15.75 1.67 -15.56
CA THR B 313 14.69 2.57 -15.13
C THR B 313 13.99 1.97 -13.93
N MET B 314 13.65 2.82 -12.96
CA MET B 314 13.21 2.31 -11.68
C MET B 314 11.85 2.84 -11.27
N LEU B 315 11.29 2.17 -10.27
CA LEU B 315 9.98 2.53 -9.75
C LEU B 315 9.92 1.98 -8.33
N VAL B 316 10.10 2.87 -7.36
CA VAL B 316 10.11 2.53 -5.95
C VAL B 316 8.81 3.00 -5.34
N CYS B 317 8.12 2.10 -4.65
CA CYS B 317 6.98 2.48 -3.84
C CYS B 317 7.24 1.83 -2.48
N GLY B 318 7.85 2.57 -1.57
CA GLY B 318 8.27 2.00 -0.31
C GLY B 318 9.41 1.01 -0.46
N ASP B 319 9.22 -0.24 -0.06
CA ASP B 319 10.21 -1.30 -0.25
C ASP B 319 9.88 -2.22 -1.42
N ASP B 320 8.81 -1.93 -2.16
CA ASP B 320 8.53 -2.59 -3.41
C ASP B 320 9.19 -1.81 -4.52
N LEU B 321 9.58 -2.52 -5.57
CA LEU B 321 10.54 -1.94 -6.49
C LEU B 321 10.61 -2.76 -7.77
N ILE B 322 10.81 -2.07 -8.89
CA ILE B 322 10.90 -2.77 -10.17
C ILE B 322 11.88 -2.03 -11.08
N VAL B 323 12.69 -2.81 -11.81
CA VAL B 323 13.79 -2.30 -12.62
C VAL B 323 13.64 -2.83 -14.03
N ILE B 324 13.38 -1.95 -14.98
CA ILE B 324 13.35 -2.33 -16.39
C ILE B 324 14.63 -1.79 -17.02
N SER B 325 15.53 -2.72 -17.36
CA SER B 325 16.90 -2.44 -17.76
C SER B 325 17.18 -3.04 -19.14
N GLU B 326 18.44 -3.05 -19.50
CA GLU B 326 18.88 -3.53 -20.80
C GLU B 326 19.45 -4.91 -20.65
N SER B 327 18.93 -5.85 -21.43
CA SER B 327 19.36 -7.23 -21.32
C SER B 327 20.80 -7.35 -21.78
N GLN B 328 21.55 -8.19 -21.08
CA GLN B 328 22.96 -8.46 -21.35
C GLN B 328 23.14 -9.93 -21.71
N GLY B 329 22.25 -10.45 -22.54
CA GLY B 329 22.19 -11.88 -22.72
C GLY B 329 21.55 -12.53 -21.52
N THR B 330 20.96 -13.70 -21.74
CA THR B 330 20.29 -14.40 -20.66
C THR B 330 21.22 -14.68 -19.49
N GLU B 331 22.38 -15.26 -19.79
CA GLU B 331 23.19 -15.86 -18.73
C GLU B 331 24.04 -14.83 -18.00
N GLU B 332 24.26 -13.65 -18.59
CA GLU B 332 24.76 -12.55 -17.79
C GLU B 332 23.66 -11.95 -16.93
N ASP B 333 22.43 -11.85 -17.47
CA ASP B 333 21.31 -11.28 -16.72
C ASP B 333 21.04 -12.06 -15.43
N GLU B 334 21.07 -13.39 -15.50
CA GLU B 334 20.91 -14.18 -14.29
C GLU B 334 22.06 -13.93 -13.33
N ARG B 335 23.27 -13.75 -13.86
CA ARG B 335 24.42 -13.52 -12.98
C ARG B 335 24.34 -12.16 -12.32
N ASN B 336 23.88 -11.14 -13.06
CA ASN B 336 23.78 -9.80 -12.49
C ASN B 336 22.77 -9.75 -11.36
N LEU B 337 21.59 -10.34 -11.55
CA LEU B 337 20.59 -10.26 -10.50
C LEU B 337 21.05 -10.96 -9.23
N ARG B 338 21.98 -11.90 -9.34
CA ARG B 338 22.53 -12.48 -8.13
C ARG B 338 23.49 -11.51 -7.45
N ALA B 339 24.31 -10.80 -8.25
CA ALA B 339 25.10 -9.71 -7.71
C ALA B 339 24.20 -8.67 -7.05
N PHE B 340 23.07 -8.38 -7.69
CA PHE B 340 22.12 -7.42 -7.15
C PHE B 340 21.67 -7.84 -5.76
N THR B 341 21.09 -9.04 -5.66
CA THR B 341 20.67 -9.55 -4.36
C THR B 341 21.81 -9.64 -3.37
N GLU B 342 23.03 -9.87 -3.87
CA GLU B 342 24.19 -9.98 -3.00
C GLU B 342 24.51 -8.64 -2.34
N ALA B 343 24.58 -7.57 -3.14
CA ALA B 343 24.73 -6.23 -2.59
C ALA B 343 23.60 -5.92 -1.61
N MET B 344 22.36 -6.20 -2.03
CA MET B 344 21.20 -5.86 -1.24
C MET B 344 21.17 -6.57 0.11
N THR B 345 21.84 -7.72 0.24
CA THR B 345 21.93 -8.32 1.58
C THR B 345 23.11 -7.76 2.36
N ARG B 346 24.18 -7.37 1.67
CA ARG B 346 25.24 -6.61 2.32
C ARG B 346 24.81 -5.20 2.66
N TYR B 347 23.61 -4.80 2.30
CA TYR B 347 23.10 -3.51 2.70
C TYR B 347 22.07 -3.62 3.81
N SER B 348 21.91 -4.81 4.40
CA SER B 348 20.84 -5.11 5.36
C SER B 348 19.48 -4.76 4.77
N ALA B 349 19.19 -5.42 3.65
CA ALA B 349 17.92 -5.36 2.96
C ALA B 349 17.80 -6.65 2.15
N PRO B 350 17.87 -7.81 2.80
CA PRO B 350 17.83 -9.09 2.09
C PRO B 350 16.51 -9.25 1.37
N PRO B 351 16.42 -10.15 0.42
CA PRO B 351 15.18 -10.33 -0.32
C PRO B 351 14.24 -11.29 0.42
N GLY B 352 13.02 -11.37 -0.10
CA GLY B 352 12.10 -12.42 0.26
C GLY B 352 12.19 -13.53 -0.77
N ASP B 353 11.30 -13.53 -1.76
CA ASP B 353 11.45 -14.43 -2.90
C ASP B 353 12.65 -13.95 -3.73
N PRO B 354 13.55 -14.83 -4.15
CA PRO B 354 14.73 -14.36 -4.85
C PRO B 354 14.35 -13.82 -6.21
N PRO B 355 14.90 -12.68 -6.60
CA PRO B 355 14.54 -12.10 -7.90
C PRO B 355 14.94 -12.99 -9.06
N ARG B 356 14.31 -12.76 -10.20
CA ARG B 356 14.54 -13.51 -11.41
C ARG B 356 14.26 -12.58 -12.56
N PRO B 357 15.12 -12.52 -13.56
CA PRO B 357 14.83 -11.65 -14.72
C PRO B 357 13.70 -12.24 -15.55
N GLU B 358 12.83 -11.35 -16.03
CA GLU B 358 11.73 -11.72 -16.90
C GLU B 358 11.75 -10.83 -18.14
N TYR B 359 11.32 -11.40 -19.26
CA TYR B 359 11.36 -10.72 -20.55
C TYR B 359 9.96 -10.62 -21.15
N ASP B 360 8.97 -10.46 -20.27
CA ASP B 360 7.58 -10.31 -20.68
C ASP B 360 6.89 -9.54 -19.57
N LEU B 361 6.35 -8.37 -19.91
CA LEU B 361 5.94 -7.38 -18.91
C LEU B 361 4.88 -7.91 -17.95
N GLU B 362 4.16 -8.96 -18.32
CA GLU B 362 3.10 -9.47 -17.46
C GLU B 362 3.64 -10.17 -16.20
N LEU B 363 4.88 -10.69 -16.24
CA LEU B 363 5.38 -11.54 -15.17
C LEU B 363 6.04 -10.77 -14.03
N ILE B 364 6.11 -9.45 -14.12
CA ILE B 364 6.70 -8.61 -13.08
C ILE B 364 5.60 -8.14 -12.16
N THR B 365 5.75 -8.37 -10.86
CA THR B 365 4.78 -7.96 -9.85
C THR B 365 5.43 -7.03 -8.84
N SER B 366 4.93 -5.79 -8.76
CA SER B 366 5.34 -4.83 -7.75
C SER B 366 4.07 -4.26 -7.15
N CYS B 367 4.10 -3.99 -5.84
CA CYS B 367 2.95 -3.41 -5.11
C CYS B 367 1.69 -4.27 -5.26
N SER B 368 1.87 -5.59 -5.16
CA SER B 368 0.78 -6.57 -5.15
C SER B 368 -0.07 -6.51 -6.41
N SER B 369 0.48 -5.98 -7.51
CA SER B 369 -0.24 -5.86 -8.77
C SER B 369 0.73 -6.08 -9.93
N ASN B 370 0.16 -6.48 -11.06
CA ASN B 370 0.95 -6.66 -12.28
C ASN B 370 0.19 -6.02 -13.45
N VAL B 371 0.78 -6.10 -14.62
CA VAL B 371 0.19 -5.57 -15.84
C VAL B 371 -0.25 -6.72 -16.70
N SER B 372 -1.37 -6.56 -17.38
CA SER B 372 -1.86 -7.59 -18.26
C SER B 372 -2.42 -6.90 -19.48
N VAL B 373 -2.89 -7.69 -20.43
CA VAL B 373 -3.42 -7.17 -21.68
C VAL B 373 -4.83 -7.71 -21.87
N ALA B 374 -5.64 -6.95 -22.60
CA ALA B 374 -6.92 -7.37 -23.13
C ALA B 374 -7.11 -6.70 -24.48
N LEU B 375 -8.24 -6.95 -25.11
CA LEU B 375 -8.54 -6.30 -26.37
C LEU B 375 -9.61 -5.26 -26.16
N GLY B 376 -9.43 -4.11 -26.82
CA GLY B 376 -10.33 -3.00 -26.70
C GLY B 376 -11.45 -3.06 -27.73
N PRO B 377 -12.36 -2.09 -27.67
CA PRO B 377 -13.54 -2.15 -28.54
C PRO B 377 -13.18 -2.17 -30.01
N ARG B 378 -12.13 -1.45 -30.40
CA ARG B 378 -11.76 -1.36 -31.80
C ARG B 378 -10.90 -2.53 -32.25
N GLY B 379 -10.40 -3.34 -31.33
CA GLY B 379 -9.47 -4.40 -31.64
C GLY B 379 -8.04 -4.14 -31.21
N ARG B 380 -7.78 -3.06 -30.47
CA ARG B 380 -6.44 -2.69 -30.04
C ARG B 380 -6.05 -3.41 -28.77
N ARG B 381 -4.74 -3.66 -28.64
CA ARG B 381 -4.23 -4.12 -27.35
C ARG B 381 -4.43 -2.99 -26.35
N ARG B 382 -5.10 -3.31 -25.26
CA ARG B 382 -5.29 -2.43 -24.12
C ARG B 382 -4.54 -3.03 -22.94
N TYR B 383 -3.63 -2.26 -22.35
CA TYR B 383 -2.89 -2.71 -21.19
C TYR B 383 -3.51 -2.08 -19.94
N TYR B 384 -3.82 -2.90 -18.95
CA TYR B 384 -4.38 -2.44 -17.69
C TYR B 384 -3.56 -2.98 -16.54
N LEU B 385 -4.00 -2.66 -15.35
CA LEU B 385 -3.37 -3.11 -14.14
C LEU B 385 -4.33 -4.06 -13.45
N THR B 386 -3.84 -5.24 -13.06
CA THR B 386 -4.67 -6.25 -12.39
C THR B 386 -3.90 -6.81 -11.19
N ARG B 387 -4.43 -7.87 -10.60
CA ARG B 387 -3.81 -8.51 -9.44
C ARG B 387 -4.41 -9.90 -9.27
N ASP B 388 -3.90 -10.62 -8.28
CA ASP B 388 -4.44 -11.90 -7.84
C ASP B 388 -5.65 -11.62 -6.98
N PRO B 389 -6.82 -11.98 -7.45
CA PRO B 389 -8.05 -11.63 -6.74
C PRO B 389 -8.29 -12.41 -5.46
N THR B 390 -7.34 -13.24 -5.02
CA THR B 390 -7.57 -14.05 -3.84
C THR B 390 -7.89 -13.18 -2.64
N THR B 391 -6.97 -12.30 -2.26
CA THR B 391 -7.25 -11.52 -1.06
C THR B 391 -8.46 -10.57 -1.21
N PRO B 392 -8.64 -9.81 -2.30
CA PRO B 392 -9.88 -9.01 -2.39
C PRO B 392 -11.14 -9.84 -2.18
N LEU B 393 -11.16 -11.08 -2.68
CA LEU B 393 -12.31 -11.95 -2.51
C LEU B 393 -12.50 -12.37 -1.06
N ALA B 394 -11.44 -12.85 -0.42
CA ALA B 394 -11.52 -13.19 0.99
C ALA B 394 -12.04 -12.03 1.79
N ARG B 395 -11.69 -10.80 1.40
CA ARG B 395 -12.14 -9.62 2.12
C ARG B 395 -13.59 -9.29 1.82
N ALA B 396 -14.05 -9.59 0.61
CA ALA B 396 -15.47 -9.44 0.31
C ALA B 396 -16.34 -10.34 1.18
N ALA B 397 -15.77 -11.36 1.82
CA ALA B 397 -16.52 -12.30 2.65
C ALA B 397 -16.31 -12.10 4.13
N TRP B 398 -15.62 -11.04 4.52
CA TRP B 398 -15.38 -10.74 5.93
C TRP B 398 -16.56 -9.97 6.47
N GLU B 399 -17.21 -10.53 7.47
CA GLU B 399 -18.55 -10.10 7.86
C GLU B 399 -18.72 -10.46 9.34
N THR B 400 -18.51 -9.48 10.20
CA THR B 400 -18.75 -9.64 11.63
C THR B 400 -19.82 -8.65 12.05
N VAL B 401 -20.16 -8.69 13.34
CA VAL B 401 -21.04 -7.69 13.90
C VAL B 401 -20.54 -6.29 13.58
N ARG B 402 -19.28 -6.00 13.95
CA ARG B 402 -18.68 -4.69 13.73
C ARG B 402 -18.58 -4.35 12.26
N HIS B 403 -17.87 -5.18 11.50
CA HIS B 403 -17.46 -4.82 10.15
C HIS B 403 -18.45 -5.33 9.11
N SER B 404 -18.74 -4.48 8.11
CA SER B 404 -19.47 -4.86 6.90
C SER B 404 -18.58 -4.67 5.67
N PRO B 405 -18.66 -5.59 4.71
CA PRO B 405 -17.69 -5.64 3.63
C PRO B 405 -18.05 -4.82 2.41
N ILE B 406 -19.23 -4.19 2.37
CA ILE B 406 -19.67 -3.53 1.14
C ILE B 406 -18.67 -2.47 0.71
N ASN B 407 -17.96 -1.88 1.67
CA ASN B 407 -16.88 -0.96 1.32
C ASN B 407 -15.82 -1.66 0.49
N SER B 408 -15.32 -2.79 1.01
CA SER B 408 -14.28 -3.55 0.34
C SER B 408 -14.65 -3.86 -1.10
N TRP B 409 -15.93 -4.16 -1.33
CA TRP B 409 -16.40 -4.43 -2.69
C TRP B 409 -16.22 -3.19 -3.57
N LEU B 410 -16.73 -2.04 -3.11
CA LEU B 410 -16.66 -0.83 -3.93
C LEU B 410 -15.22 -0.39 -4.13
N GLY B 411 -14.45 -0.36 -3.05
CA GLY B 411 -13.06 0.03 -3.16
C GLY B 411 -12.27 -0.71 -4.23
N ASN B 412 -12.55 -2.02 -4.41
CA ASN B 412 -11.94 -2.77 -5.49
C ASN B 412 -12.69 -2.60 -6.81
N ILE B 413 -14.03 -2.53 -6.79
CA ILE B 413 -14.79 -2.33 -8.02
C ILE B 413 -14.30 -1.09 -8.75
N ILE B 414 -13.85 -0.09 -8.00
CA ILE B 414 -13.33 1.13 -8.61
C ILE B 414 -11.87 0.94 -9.01
N GLN B 415 -11.02 0.59 -8.04
CA GLN B 415 -9.58 0.50 -8.31
C GLN B 415 -9.30 -0.40 -9.52
N TYR B 416 -9.88 -1.60 -9.53
CA TYR B 416 -9.59 -2.59 -10.57
C TYR B 416 -10.75 -2.78 -11.55
N ALA B 417 -11.51 -1.73 -11.81
CA ALA B 417 -12.71 -1.76 -12.66
C ALA B 417 -12.51 -2.36 -14.04
N PRO B 418 -11.31 -2.32 -14.64
CA PRO B 418 -11.15 -3.02 -15.92
C PRO B 418 -10.94 -4.52 -15.82
N THR B 419 -10.53 -5.04 -14.67
CA THR B 419 -10.17 -6.45 -14.59
C THR B 419 -11.37 -7.34 -14.81
N ILE B 420 -11.11 -8.49 -15.43
CA ILE B 420 -12.17 -9.45 -15.68
C ILE B 420 -12.86 -9.85 -14.40
N TRP B 421 -12.10 -10.02 -13.31
CA TRP B 421 -12.71 -10.51 -12.08
C TRP B 421 -13.63 -9.48 -11.44
N VAL B 422 -13.24 -8.21 -11.43
CA VAL B 422 -14.16 -7.18 -10.95
C VAL B 422 -15.39 -7.11 -11.84
N ARG B 423 -15.18 -6.95 -13.17
CA ARG B 423 -16.28 -6.72 -14.08
C ARG B 423 -17.33 -7.81 -13.97
N MET B 424 -16.90 -9.06 -13.78
CA MET B 424 -17.75 -10.23 -13.80
C MET B 424 -18.17 -10.71 -12.42
N VAL B 425 -17.30 -10.67 -11.45
CA VAL B 425 -17.63 -11.19 -10.14
C VAL B 425 -18.03 -10.07 -9.20
N LEU B 426 -17.17 -9.07 -9.02
CA LEU B 426 -17.48 -8.09 -7.98
C LEU B 426 -18.66 -7.20 -8.36
N MET B 427 -18.66 -6.66 -9.58
CA MET B 427 -19.76 -5.76 -9.96
C MET B 427 -21.10 -6.49 -9.97
N THR B 428 -21.13 -7.71 -10.52
CA THR B 428 -22.35 -8.49 -10.53
C THR B 428 -22.90 -8.68 -9.13
N HIS B 429 -22.05 -9.06 -8.18
CA HIS B 429 -22.52 -9.29 -6.84
C HIS B 429 -22.85 -7.98 -6.11
N PHE B 430 -22.20 -6.89 -6.49
CA PHE B 430 -22.42 -5.61 -5.81
C PHE B 430 -23.82 -5.09 -6.05
N PHE B 431 -24.23 -5.03 -7.32
CA PHE B 431 -25.56 -4.57 -7.66
C PHE B 431 -26.60 -5.63 -7.32
N SER B 432 -26.24 -6.90 -7.45
CA SER B 432 -27.16 -7.95 -7.04
C SER B 432 -27.54 -7.82 -5.57
N ILE B 433 -26.68 -7.20 -4.75
CA ILE B 433 -26.99 -7.06 -3.33
C ILE B 433 -27.78 -5.81 -3.04
N LEU B 434 -27.45 -4.71 -3.74
CA LEU B 434 -28.06 -3.41 -3.47
C LEU B 434 -29.44 -3.29 -4.10
N MET B 435 -29.71 -4.01 -5.19
CA MET B 435 -31.07 -4.00 -5.72
C MET B 435 -32.03 -4.69 -4.77
N VAL B 436 -31.58 -5.78 -4.15
CA VAL B 436 -32.41 -6.50 -3.21
C VAL B 436 -32.52 -5.74 -1.89
N GLN B 437 -31.40 -5.27 -1.37
CA GLN B 437 -31.44 -4.35 -0.24
C GLN B 437 -32.23 -3.10 -0.56
N ASP B 438 -32.52 -2.85 -1.84
CA ASP B 438 -33.04 -1.59 -2.39
C ASP B 438 -32.31 -0.36 -1.82
N THR B 439 -31.01 -0.50 -1.51
CA THR B 439 -30.18 0.59 -1.01
C THR B 439 -29.22 1.12 -2.08
N LEU B 440 -29.70 1.15 -3.35
CA LEU B 440 -28.96 1.42 -4.58
C LEU B 440 -28.48 2.86 -4.71
N ASP B 441 -28.51 3.66 -3.66
CA ASP B 441 -27.92 4.99 -3.72
C ASP B 441 -27.66 5.50 -2.31
N GLN B 442 -26.87 4.77 -1.55
CA GLN B 442 -26.39 5.25 -0.27
C GLN B 442 -25.17 6.14 -0.51
N ASN B 443 -24.45 6.46 0.54
CA ASN B 443 -23.24 7.22 0.30
C ASN B 443 -22.04 6.44 0.82
N LEU B 444 -21.81 5.26 0.24
CA LEU B 444 -20.75 4.38 0.70
C LEU B 444 -19.40 5.05 0.46
N GLY B 445 -18.70 5.40 1.54
CA GLY B 445 -17.37 5.96 1.44
C GLY B 445 -17.28 7.34 0.83
N GLY B 446 -18.37 8.11 0.85
CA GLY B 446 -18.36 9.37 0.12
C GLY B 446 -18.45 9.13 -1.36
N VAL B 447 -19.29 8.18 -1.77
CA VAL B 447 -19.46 7.77 -3.15
C VAL B 447 -20.91 7.37 -3.35
N ASN B 448 -21.43 7.63 -4.54
CA ASN B 448 -22.76 7.14 -4.81
C ASN B 448 -22.70 6.03 -5.85
N PRO B 449 -23.33 4.89 -5.56
CA PRO B 449 -23.31 3.75 -6.50
C PRO B 449 -23.79 4.08 -7.90
N LEU B 450 -24.84 4.88 -8.05
CA LEU B 450 -25.39 5.09 -9.39
C LEU B 450 -24.49 5.96 -10.28
N ASP B 451 -23.42 6.51 -9.72
CA ASP B 451 -22.45 7.27 -10.50
C ASP B 451 -21.35 6.41 -11.09
N LEU B 452 -21.26 5.13 -10.74
CA LEU B 452 -20.10 4.33 -11.10
C LEU B 452 -19.73 4.41 -12.59
N PRO B 453 -20.66 4.38 -13.56
CA PRO B 453 -20.21 4.53 -14.97
C PRO B 453 -19.48 5.83 -15.23
N ALA B 454 -19.92 6.92 -14.62
CA ALA B 454 -19.23 8.20 -14.77
C ALA B 454 -17.87 8.17 -14.08
N ILE B 455 -17.83 7.63 -12.87
CA ILE B 455 -16.57 7.58 -12.14
C ILE B 455 -15.57 6.70 -12.87
N ILE B 456 -16.03 5.57 -13.39
CA ILE B 456 -15.15 4.64 -14.06
C ILE B 456 -14.60 5.24 -15.35
N GLU B 457 -15.46 5.92 -16.11
CA GLU B 457 -15.00 6.56 -17.35
C GLU B 457 -14.01 7.66 -17.04
N ARG B 458 -14.24 8.40 -15.96
CA ARG B 458 -13.28 9.40 -15.49
C ARG B 458 -11.88 8.81 -15.29
N LEU B 459 -11.80 7.61 -14.71
CA LEU B 459 -10.54 7.06 -14.23
C LEU B 459 -9.90 6.05 -15.18
N HIS B 460 -10.67 5.13 -15.76
CA HIS B 460 -10.10 4.13 -16.65
C HIS B 460 -10.55 4.29 -18.09
N GLY B 461 -11.41 5.26 -18.40
CA GLY B 461 -11.85 5.46 -19.76
C GLY B 461 -12.90 4.47 -20.19
N LEU B 462 -13.58 4.80 -21.28
CA LEU B 462 -14.72 4.03 -21.76
C LEU B 462 -14.37 2.60 -22.16
N ASP B 463 -13.08 2.26 -22.26
CA ASP B 463 -12.73 0.92 -22.68
C ASP B 463 -12.98 -0.11 -21.59
N ALA B 464 -13.00 0.31 -20.32
CA ALA B 464 -13.33 -0.60 -19.24
C ALA B 464 -14.75 -1.17 -19.35
N PHE B 465 -15.58 -0.68 -20.27
CA PHE B 465 -16.88 -1.28 -20.50
C PHE B 465 -16.88 -2.22 -21.70
N SER B 466 -15.78 -2.24 -22.46
CA SER B 466 -15.76 -2.88 -23.77
C SER B 466 -14.52 -3.74 -23.97
N MET B 467 -13.91 -4.24 -22.89
CA MET B 467 -12.70 -5.03 -22.99
C MET B 467 -13.01 -6.51 -22.93
N HIS B 468 -12.40 -7.29 -23.83
CA HIS B 468 -13.04 -8.58 -24.02
C HIS B 468 -12.14 -9.81 -24.06
N THR B 469 -11.08 -9.83 -24.85
CA THR B 469 -10.23 -11.01 -24.74
C THR B 469 -9.29 -10.78 -23.58
N TYR B 470 -9.16 -11.74 -22.68
CA TYR B 470 -8.32 -11.55 -21.51
C TYR B 470 -7.13 -12.50 -21.54
N SER B 471 -6.02 -12.04 -21.00
CA SER B 471 -4.78 -12.76 -21.17
C SER B 471 -4.86 -14.13 -20.50
N HIS B 472 -4.09 -15.09 -21.03
CA HIS B 472 -4.18 -16.46 -20.53
C HIS B 472 -3.90 -16.51 -19.03
N HIS B 473 -2.80 -15.91 -18.60
CA HIS B 473 -2.48 -15.86 -17.17
C HIS B 473 -3.67 -15.38 -16.36
N GLU B 474 -4.23 -14.23 -16.76
CA GLU B 474 -5.28 -13.59 -16.00
C GLU B 474 -6.52 -14.45 -15.94
N LEU B 475 -6.83 -15.18 -17.02
CA LEU B 475 -7.96 -16.10 -16.97
C LEU B 475 -7.69 -17.21 -15.98
N THR B 476 -6.61 -17.97 -16.19
CA THR B 476 -6.27 -19.08 -15.29
C THR B 476 -6.24 -18.61 -13.84
N ARG B 477 -5.83 -17.38 -13.58
CA ARG B 477 -5.72 -16.94 -12.20
C ARG B 477 -7.10 -16.68 -11.62
N VAL B 478 -7.92 -15.92 -12.33
CA VAL B 478 -9.28 -15.63 -11.87
C VAL B 478 -10.06 -16.93 -11.67
N ALA B 479 -10.06 -17.79 -12.70
CA ALA B 479 -10.72 -19.10 -12.62
C ALA B 479 -10.31 -19.84 -11.38
N SER B 480 -9.02 -19.88 -11.13
CA SER B 480 -8.49 -20.67 -10.05
C SER B 480 -8.71 -19.98 -8.71
N ALA B 481 -8.80 -18.66 -8.69
CA ALA B 481 -9.01 -18.00 -7.42
C ALA B 481 -10.42 -18.24 -6.92
N LEU B 482 -11.40 -18.16 -7.83
CA LEU B 482 -12.80 -18.49 -7.51
C LEU B 482 -12.90 -19.92 -7.02
N ARG B 483 -12.30 -20.85 -7.78
CA ARG B 483 -12.26 -22.24 -7.36
C ARG B 483 -11.75 -22.37 -5.93
N LYS B 484 -10.66 -21.67 -5.59
CA LYS B 484 -10.04 -21.82 -4.28
C LYS B 484 -10.97 -21.39 -3.17
N LEU B 485 -11.92 -20.50 -3.45
CA LEU B 485 -12.71 -19.86 -2.42
C LEU B 485 -14.17 -20.29 -2.41
N GLY B 486 -14.59 -21.19 -3.29
CA GLY B 486 -15.93 -21.70 -3.30
C GLY B 486 -16.90 -20.94 -4.16
N ALA B 487 -16.48 -19.80 -4.70
CA ALA B 487 -17.34 -18.99 -5.51
C ALA B 487 -17.69 -19.72 -6.81
N PRO B 488 -18.79 -19.34 -7.46
CA PRO B 488 -19.18 -19.96 -8.71
C PRO B 488 -18.12 -19.74 -9.78
N PRO B 489 -18.08 -20.60 -10.80
CA PRO B 489 -17.21 -20.32 -11.94
C PRO B 489 -17.66 -19.08 -12.69
N LEU B 490 -16.76 -18.54 -13.51
CA LEU B 490 -17.07 -17.32 -14.26
C LEU B 490 -18.32 -17.48 -15.11
N ARG B 491 -18.53 -18.68 -15.64
CA ARG B 491 -19.74 -18.98 -16.41
C ARG B 491 -20.99 -18.58 -15.64
N VAL B 492 -21.07 -18.99 -14.37
CA VAL B 492 -22.24 -18.71 -13.55
C VAL B 492 -22.41 -17.21 -13.34
N TRP B 493 -21.30 -16.49 -13.19
CA TRP B 493 -21.43 -15.05 -13.01
C TRP B 493 -21.87 -14.39 -14.30
N LYS B 494 -21.57 -15.00 -15.45
CA LYS B 494 -22.10 -14.44 -16.68
C LYS B 494 -23.62 -14.49 -16.68
N SER B 495 -24.19 -15.60 -16.24
CA SER B 495 -25.65 -15.72 -16.15
C SER B 495 -26.20 -14.83 -15.06
N ARG B 496 -25.55 -14.78 -13.90
CA ARG B 496 -26.02 -13.93 -12.82
C ARG B 496 -26.06 -12.48 -13.25
N ALA B 497 -25.03 -12.02 -13.96
CA ALA B 497 -24.99 -10.61 -14.36
C ALA B 497 -25.95 -10.30 -15.49
N ARG B 498 -26.21 -11.27 -16.39
CA ARG B 498 -27.24 -11.11 -17.40
C ARG B 498 -28.53 -10.62 -16.78
N ALA B 499 -28.90 -11.22 -15.65
CA ALA B 499 -30.13 -10.87 -14.96
C ALA B 499 -30.00 -9.57 -14.16
N VAL B 500 -28.89 -9.38 -13.44
CA VAL B 500 -28.69 -8.13 -12.72
C VAL B 500 -28.78 -6.96 -13.68
N ARG B 501 -28.31 -7.17 -14.91
CA ARG B 501 -28.41 -6.15 -15.94
C ARG B 501 -29.87 -5.86 -16.28
N ALA B 502 -30.70 -6.92 -16.28
CA ALA B 502 -32.13 -6.77 -16.59
C ALA B 502 -32.81 -5.86 -15.57
N SER B 503 -32.65 -6.18 -14.30
CA SER B 503 -33.30 -5.37 -13.27
C SER B 503 -32.79 -3.94 -13.29
N LEU B 504 -31.55 -3.72 -13.73
CA LEU B 504 -30.96 -2.40 -13.73
C LEU B 504 -31.50 -1.54 -14.85
N ILE B 505 -31.48 -2.06 -16.07
CA ILE B 505 -32.08 -1.39 -17.22
C ILE B 505 -33.55 -1.10 -16.93
N SER B 506 -34.28 -2.11 -16.42
CA SER B 506 -35.72 -1.98 -16.23
C SER B 506 -36.07 -1.00 -15.12
N ARG B 507 -35.21 -0.84 -14.11
CA ARG B 507 -35.45 0.18 -13.10
C ARG B 507 -35.43 1.58 -13.70
N GLY B 508 -34.70 1.76 -14.81
CA GLY B 508 -34.64 3.05 -15.48
C GLY B 508 -33.94 4.13 -14.68
N GLY B 509 -33.70 5.27 -15.31
CA GLY B 509 -33.03 6.35 -14.63
C GLY B 509 -31.53 6.11 -14.60
N LYS B 510 -30.88 6.62 -13.56
CA LYS B 510 -29.44 6.40 -13.43
C LYS B 510 -29.12 4.92 -13.26
N ALA B 511 -30.06 4.10 -12.78
CA ALA B 511 -29.84 2.66 -12.70
C ALA B 511 -29.62 2.05 -14.08
N ALA B 512 -30.55 2.31 -15.00
CA ALA B 512 -30.45 1.74 -16.33
C ALA B 512 -29.13 2.10 -17.01
N VAL B 513 -28.51 3.20 -16.61
CA VAL B 513 -27.16 3.52 -17.08
C VAL B 513 -26.20 2.43 -16.66
N CYS B 514 -26.14 2.17 -15.34
CA CYS B 514 -25.25 1.13 -14.81
C CYS B 514 -25.49 -0.21 -15.52
N GLY B 515 -26.75 -0.59 -15.70
CA GLY B 515 -27.04 -1.85 -16.35
C GLY B 515 -26.42 -1.97 -17.73
N ARG B 516 -26.49 -0.89 -18.52
CA ARG B 516 -26.07 -0.97 -19.91
C ARG B 516 -24.56 -0.84 -20.06
N TYR B 517 -23.91 -0.10 -19.17
CA TYR B 517 -22.47 0.13 -19.23
C TYR B 517 -21.67 -0.96 -18.55
N LEU B 518 -21.89 -1.12 -17.25
CA LEU B 518 -21.10 -2.03 -16.46
C LEU B 518 -21.32 -3.48 -16.88
N PHE B 519 -22.40 -3.76 -17.61
CA PHE B 519 -22.76 -5.13 -17.95
C PHE B 519 -22.92 -5.34 -19.45
N ASN B 520 -22.41 -4.40 -20.25
CA ASN B 520 -22.33 -4.58 -21.69
C ASN B 520 -21.76 -5.94 -22.04
N TRP B 521 -20.70 -6.34 -21.34
CA TRP B 521 -20.07 -7.63 -21.61
C TRP B 521 -21.02 -8.81 -21.48
N ALA B 522 -22.11 -8.66 -20.73
CA ALA B 522 -22.94 -9.82 -20.39
C ALA B 522 -23.88 -10.22 -21.52
N VAL B 523 -24.28 -9.26 -22.36
CA VAL B 523 -25.38 -9.48 -23.28
C VAL B 523 -24.89 -10.11 -24.57
N LYS B 524 -25.80 -10.88 -25.18
CA LYS B 524 -25.56 -11.46 -26.51
C LYS B 524 -25.21 -10.38 -27.52
N THR B 525 -25.87 -9.22 -27.42
CA THR B 525 -25.83 -8.18 -28.45
C THR B 525 -25.48 -6.85 -27.78
N LYS B 526 -24.22 -6.45 -27.89
CA LYS B 526 -23.72 -5.27 -27.20
C LYS B 526 -24.44 -4.00 -27.68
N LEU B 527 -24.24 -2.92 -26.95
CA LEU B 527 -24.69 -1.59 -27.37
C LEU B 527 -23.46 -0.69 -27.43
N LYS B 528 -23.39 0.15 -28.47
CA LYS B 528 -22.22 0.98 -28.71
C LYS B 528 -22.17 2.12 -27.68
N LEU B 529 -21.40 1.92 -26.61
CA LEU B 529 -21.41 2.87 -25.50
C LEU B 529 -20.60 4.10 -25.87
N THR B 530 -21.26 5.25 -25.86
CA THR B 530 -20.73 6.58 -26.11
C THR B 530 -20.23 7.21 -24.81
N PRO B 531 -19.39 8.24 -24.87
CA PRO B 531 -18.96 8.90 -23.63
C PRO B 531 -20.11 9.57 -22.88
N LEU B 532 -19.84 9.85 -21.62
CA LEU B 532 -20.84 10.44 -20.75
C LEU B 532 -20.51 11.89 -20.48
N PRO B 533 -21.53 12.74 -20.33
CA PRO B 533 -21.28 14.15 -19.98
C PRO B 533 -20.42 14.33 -18.73
N GLU B 534 -20.38 13.33 -17.85
CA GLU B 534 -19.64 13.42 -16.60
C GLU B 534 -18.20 12.94 -16.71
N ALA B 535 -17.66 12.82 -17.92
CA ALA B 535 -16.22 12.62 -18.09
C ALA B 535 -15.41 13.86 -17.78
N ARG B 536 -16.06 15.00 -17.57
CA ARG B 536 -15.41 16.19 -17.01
C ARG B 536 -16.33 16.81 -15.98
N LEU B 537 -17.65 16.61 -16.17
CA LEU B 537 -18.68 17.09 -15.23
C LEU B 537 -18.67 16.20 -13.98
N LEU B 538 -17.46 15.77 -13.60
CA LEU B 538 -17.19 14.99 -12.41
C LEU B 538 -15.81 15.39 -11.94
N ASP B 539 -15.71 15.97 -10.74
CA ASP B 539 -14.42 16.47 -10.24
C ASP B 539 -13.42 15.33 -10.11
N LEU B 540 -12.29 15.44 -10.81
CA LEU B 540 -11.28 14.38 -10.92
C LEU B 540 -10.37 14.27 -9.70
N SER B 541 -10.67 14.97 -8.60
CA SER B 541 -9.77 15.04 -7.44
C SER B 541 -10.59 15.12 -6.15
N SER B 542 -11.20 13.98 -5.77
CA SER B 542 -11.73 13.77 -4.42
C SER B 542 -10.85 12.81 -3.60
N TRP B 543 -10.18 11.85 -4.28
CA TRP B 543 -9.11 11.01 -3.73
C TRP B 543 -7.89 11.03 -4.64
N PHE B 544 -8.12 11.26 -5.94
CA PHE B 544 -7.06 11.30 -6.94
C PHE B 544 -6.71 12.77 -7.28
#